data_4XZZ
#
_entry.id   4XZZ
#
_cell.length_a   62.963
_cell.length_b   91.028
_cell.length_c   127.799
_cell.angle_alpha   90.00
_cell.angle_beta   90.00
_cell.angle_gamma   90.00
#
_symmetry.space_group_name_H-M   'P 21 21 21'
#
loop_
_entity.id
_entity.type
_entity.pdbx_description
1 polymer 'Conserved hypothetical secreted protein'
2 non-polymer GLYCEROL
3 water water
#
_entity_poly.entity_id   1
_entity_poly.type   'polypeptide(L)'
_entity_poly.pdbx_seq_one_letter_code
;MGSSHHHHHHSSGLVPRGSHMVGLNASDRLLEIMRLYQKQGLEMVGQKLDSYLADKSFWAEELQNKDTDFGYYQNKQFLF
VANKSKPSLEFYEIENNMLKKINSSKALVGSKKGDKTLEGDLATPIGVYRITQKLERLDQYYGVLAFVTNYPNLYDTLKK
RTGHGIWVHGMPLNGDRNELNTKGCIAIENPLLSSYDKVLKGEKAFLITYEDKFFPSTKEELSMILSSLFQWKEAWARGD
FERYMRFYNPNFTRYDGMKFNAFKEYKKRVFAKNEKKNIAFSSINVIPYPNSQNKRLFYVVFDQDYKAYQHNKLSYSSNS
QKELYIEIENNQVSIIMEK
;
_entity_poly.pdbx_strand_id   A,B
#
# COMPACT_ATOMS: atom_id res chain seq x y z
N LEU A 24 -17.65 4.38 0.76
CA LEU A 24 -16.25 3.96 0.43
C LEU A 24 -15.43 3.81 1.72
N ASN A 25 -14.90 2.61 1.97
CA ASN A 25 -14.26 2.31 3.26
C ASN A 25 -12.81 1.77 3.18
N ALA A 26 -12.21 1.48 4.33
CA ALA A 26 -10.82 1.08 4.42
C ALA A 26 -10.52 -0.20 3.64
N SER A 27 -11.43 -1.17 3.71
CA SER A 27 -11.30 -2.41 2.95
C SER A 27 -11.31 -2.16 1.45
N ASP A 28 -12.22 -1.31 0.97
CA ASP A 28 -12.29 -0.99 -0.45
C ASP A 28 -10.98 -0.35 -0.90
N ARG A 29 -10.47 0.58 -0.10
CA ARG A 29 -9.22 1.26 -0.41
C ARG A 29 -8.02 0.30 -0.45
N LEU A 30 -7.93 -0.62 0.50
CA LEU A 30 -6.86 -1.64 0.47
C LEU A 30 -6.92 -2.56 -0.77
N LEU A 31 -8.13 -2.99 -1.10
CA LEU A 31 -8.33 -3.82 -2.27
C LEU A 31 -7.90 -3.04 -3.52
N GLU A 32 -8.32 -1.78 -3.62
CA GLU A 32 -7.99 -0.92 -4.76
C GLU A 32 -6.49 -0.67 -4.88
N ILE A 33 -5.81 -0.46 -3.74
CA ILE A 33 -4.35 -0.27 -3.74
C ILE A 33 -3.68 -1.50 -4.36
N MET A 34 -4.07 -2.68 -3.89
CA MET A 34 -3.42 -3.90 -4.31
C MET A 34 -3.76 -4.19 -5.77
N ARG A 35 -5.02 -4.00 -6.15
CA ARG A 35 -5.40 -4.20 -7.55
C ARG A 35 -4.54 -3.30 -8.44
N LEU A 36 -4.36 -2.04 -8.03
CA LEU A 36 -3.54 -1.13 -8.83
C LEU A 36 -2.10 -1.59 -8.89
N TYR A 37 -1.55 -1.98 -7.74
CA TYR A 37 -0.20 -2.48 -7.70
C TYR A 37 -0.02 -3.67 -8.68
N GLN A 38 -0.93 -4.62 -8.66
CA GLN A 38 -0.76 -5.83 -9.49
C GLN A 38 -0.97 -5.54 -10.98
N LYS A 39 -1.81 -4.57 -11.29
CA LYS A 39 -2.17 -4.28 -12.66
C LYS A 39 -1.27 -3.24 -13.28
N GLN A 40 -1.00 -2.15 -12.57
CA GLN A 40 -0.27 -1.02 -13.15
C GLN A 40 1.03 -0.65 -12.45
N GLY A 41 1.34 -1.29 -11.34
CA GLY A 41 2.62 -1.06 -10.66
C GLY A 41 2.64 0.12 -9.69
N LEU A 42 3.85 0.46 -9.28
CA LEU A 42 4.06 1.27 -8.10
C LEU A 42 3.74 2.75 -8.29
N GLU A 43 4.06 3.32 -9.45
CA GLU A 43 3.80 4.75 -9.64
C GLU A 43 2.30 5.07 -9.50
N MET A 44 1.45 4.23 -10.06
CA MET A 44 0.03 4.53 -10.00
C MET A 44 -0.50 4.36 -8.55
N VAL A 45 0.11 3.45 -7.79
CA VAL A 45 -0.19 3.32 -6.36
C VAL A 45 0.07 4.64 -5.62
N GLY A 46 1.23 5.25 -5.86
CA GLY A 46 1.57 6.53 -5.24
C GLY A 46 0.53 7.60 -5.57
N GLN A 47 0.12 7.65 -6.83
CA GLN A 47 -0.88 8.62 -7.22
C GLN A 47 -2.22 8.37 -6.54
N LYS A 48 -2.56 7.11 -6.32
CA LYS A 48 -3.80 6.77 -5.62
C LYS A 48 -3.69 7.17 -4.13
N LEU A 49 -2.56 6.86 -3.52
CA LEU A 49 -2.33 7.21 -2.11
C LEU A 49 -2.37 8.71 -1.93
N ASP A 50 -1.79 9.45 -2.88
CA ASP A 50 -1.89 10.92 -2.86
C ASP A 50 -3.36 11.35 -2.89
N SER A 51 -4.17 10.71 -3.74
CA SER A 51 -5.57 11.10 -3.86
C SER A 51 -6.31 10.86 -2.54
N TYR A 52 -5.95 9.81 -1.80
CA TYR A 52 -6.57 9.58 -0.50
C TYR A 52 -6.19 10.70 0.46
N LEU A 53 -4.90 11.00 0.52
CA LEU A 53 -4.42 12.02 1.45
C LEU A 53 -5.05 13.39 1.21
N ALA A 54 -5.37 13.70 -0.04
CA ALA A 54 -6.01 14.97 -0.40
C ALA A 54 -7.53 14.97 -0.21
N ASP A 55 -8.09 13.86 0.26
CA ASP A 55 -9.56 13.62 0.25
C ASP A 55 -10.13 13.73 1.67
N LYS A 56 -11.02 14.68 1.86
CA LYS A 56 -11.66 14.89 3.16
C LYS A 56 -12.33 13.64 3.71
N SER A 57 -13.02 12.91 2.85
CA SER A 57 -13.78 11.75 3.29
C SER A 57 -12.87 10.63 3.76
N PHE A 58 -11.69 10.53 3.17
CA PHE A 58 -10.70 9.57 3.64
C PHE A 58 -10.29 9.84 5.09
N TRP A 59 -10.09 11.11 5.42
CA TRP A 59 -9.71 11.48 6.80
C TRP A 59 -10.91 11.29 7.72
N ALA A 60 -12.11 11.66 7.23
CA ALA A 60 -13.31 11.52 8.05
C ALA A 60 -13.46 10.06 8.47
N GLU A 61 -13.18 9.12 7.57
CA GLU A 61 -13.29 7.72 7.93
C GLU A 61 -12.25 7.27 8.95
N GLU A 62 -10.98 7.63 8.74
CA GLU A 62 -9.93 7.30 9.69
C GLU A 62 -10.20 7.86 11.09
N LEU A 63 -10.77 9.06 11.15
CA LEU A 63 -10.95 9.74 12.42
C LEU A 63 -12.20 9.33 13.21
N GLN A 64 -13.14 8.63 12.55
CA GLN A 64 -14.48 8.51 13.09
C GLN A 64 -14.57 7.98 14.54
N ASN A 65 -13.73 7.04 14.95
CA ASN A 65 -13.88 6.51 16.32
C ASN A 65 -12.72 6.92 17.24
N LYS A 66 -12.01 7.97 16.87
CA LYS A 66 -10.85 8.41 17.64
C LYS A 66 -11.18 9.57 18.59
N ASP A 67 -10.37 9.75 19.63
CA ASP A 67 -10.56 10.84 20.58
C ASP A 67 -9.89 12.10 20.01
N THR A 68 -10.68 12.96 19.38
CA THR A 68 -10.17 14.09 18.59
C THR A 68 -10.41 15.49 19.15
N ASP A 69 -10.95 15.60 20.37
CA ASP A 69 -11.22 16.90 20.94
C ASP A 69 -10.00 17.81 21.14
N PHE A 70 -8.84 17.25 21.48
CA PHE A 70 -7.62 18.04 21.67
C PHE A 70 -6.75 18.04 20.40
N GLY A 71 -7.26 17.40 19.34
CA GLY A 71 -6.58 17.39 18.04
C GLY A 71 -6.23 16.03 17.48
N TYR A 72 -5.48 16.06 16.38
CA TYR A 72 -4.96 14.88 15.74
C TYR A 72 -3.46 14.76 15.95
N TYR A 73 -3.03 13.57 16.35
CA TYR A 73 -1.66 13.29 16.70
C TYR A 73 -1.29 11.93 16.13
N GLN A 74 -0.36 11.90 15.17
CA GLN A 74 -0.01 10.64 14.52
C GLN A 74 0.66 9.70 15.51
N ASN A 75 1.65 10.22 16.25
CA ASN A 75 2.44 9.37 17.15
C ASN A 75 2.03 9.55 18.61
N LYS A 76 2.62 8.78 19.49
CA LYS A 76 2.33 8.91 20.89
C LYS A 76 2.82 10.26 21.38
N GLN A 77 1.97 10.96 22.11
CA GLN A 77 2.31 12.27 22.64
C GLN A 77 1.76 12.42 24.05
N PHE A 78 2.24 13.45 24.72
CA PHE A 78 1.78 13.78 26.05
C PHE A 78 1.16 15.16 25.98
N LEU A 79 0.03 15.36 26.65
CA LEU A 79 -0.66 16.63 26.61
C LEU A 79 -1.02 17.13 28.01
N PHE A 80 -0.59 18.35 28.33
CA PHE A 80 -1.09 19.09 29.49
C PHE A 80 -2.21 20.01 29.00
N VAL A 81 -3.31 20.10 29.75
CA VAL A 81 -4.39 21.02 29.43
C VAL A 81 -4.66 21.89 30.65
N ALA A 82 -4.45 23.20 30.50
CA ALA A 82 -4.64 24.16 31.57
C ALA A 82 -5.87 25.04 31.33
N ASN A 83 -6.73 25.10 32.35
CA ASN A 83 -7.85 26.02 32.38
C ASN A 83 -7.48 27.15 33.33
N LYS A 84 -7.20 28.33 32.77
CA LYS A 84 -6.76 29.52 33.51
C LYS A 84 -7.78 29.99 34.53
N SER A 85 -9.06 29.83 34.23
CA SER A 85 -10.17 30.35 35.01
C SER A 85 -10.41 29.62 36.31
N LYS A 86 -10.28 28.31 36.30
CA LYS A 86 -10.64 27.53 37.47
C LYS A 86 -9.85 27.85 38.71
N PRO A 87 -8.51 27.79 38.66
CA PRO A 87 -7.64 27.22 37.59
C PRO A 87 -7.40 25.73 37.78
N SER A 88 -7.09 25.02 36.70
CA SER A 88 -6.77 23.58 36.78
C SER A 88 -5.74 23.15 35.75
N LEU A 89 -5.12 22.01 36.01
CA LEU A 89 -4.22 21.41 35.07
C LEU A 89 -4.53 19.93 34.96
N GLU A 90 -4.70 19.46 33.74
CA GLU A 90 -4.88 18.03 33.46
C GLU A 90 -3.71 17.52 32.68
N PHE A 91 -3.45 16.23 32.79
CA PHE A 91 -2.40 15.58 32.05
C PHE A 91 -2.92 14.29 31.37
N TYR A 92 -2.62 14.17 30.08
CA TYR A 92 -3.11 13.08 29.24
C TYR A 92 -1.95 12.49 28.47
N GLU A 93 -2.15 11.23 28.10
CA GLU A 93 -1.33 10.50 27.20
C GLU A 93 -2.23 10.29 25.97
N ILE A 94 -1.65 10.37 24.77
CA ILE A 94 -2.40 10.11 23.54
C ILE A 94 -1.65 9.15 22.61
N GLU A 95 -2.33 8.07 22.26
CA GLU A 95 -1.72 6.99 21.52
C GLU A 95 -2.78 6.41 20.59
N ASN A 96 -2.42 6.27 19.34
CA ASN A 96 -3.37 5.96 18.26
C ASN A 96 -4.54 6.89 18.30
N ASN A 97 -4.27 8.13 18.67
CA ASN A 97 -5.28 9.15 18.85
C ASN A 97 -6.40 8.81 19.84
N MET A 98 -6.08 7.97 20.83
CA MET A 98 -6.97 7.70 21.94
C MET A 98 -6.37 8.34 23.20
N LEU A 99 -7.18 9.10 23.92
CA LEU A 99 -6.76 9.83 25.11
C LEU A 99 -6.84 8.94 26.33
N LYS A 100 -5.84 9.02 27.18
CA LYS A 100 -5.94 8.44 28.50
C LYS A 100 -5.61 9.51 29.53
N LYS A 101 -6.58 9.89 30.35
CA LYS A 101 -6.32 10.90 31.36
C LYS A 101 -5.44 10.34 32.45
N ILE A 102 -4.30 10.96 32.72
CA ILE A 102 -3.44 10.49 33.80
C ILE A 102 -3.95 11.06 35.13
N ASN A 103 -4.15 12.37 35.19
CA ASN A 103 -4.67 13.00 36.40
C ASN A 103 -5.08 14.44 36.14
N SER A 104 -5.62 15.08 37.17
CA SER A 104 -5.79 16.51 37.15
C SER A 104 -5.80 17.07 38.54
N SER A 105 -5.56 18.37 38.65
CA SER A 105 -5.63 19.04 39.94
C SER A 105 -5.88 20.50 39.73
N LYS A 106 -6.16 21.19 40.83
CA LYS A 106 -6.16 22.63 40.85
C LYS A 106 -4.75 23.11 40.56
N ALA A 107 -4.65 24.33 40.10
CA ALA A 107 -3.37 24.96 39.85
C ALA A 107 -3.44 26.42 40.27
N LEU A 108 -2.26 26.99 40.52
CA LEU A 108 -2.09 28.42 40.58
C LEU A 108 -1.61 28.96 39.22
N VAL A 109 -2.16 30.10 38.82
CA VAL A 109 -1.81 30.72 37.53
C VAL A 109 -1.61 32.21 37.74
N GLY A 110 -1.31 32.93 36.66
CA GLY A 110 -1.05 34.36 36.77
C GLY A 110 -2.31 35.14 37.13
N SER A 111 -2.13 36.37 37.60
CA SER A 111 -3.25 37.19 38.08
C SER A 111 -4.02 37.90 36.98
N LYS A 112 -3.42 38.08 35.80
CA LYS A 112 -4.08 38.80 34.73
C LYS A 112 -4.90 37.91 33.84
N LYS A 113 -6.14 38.32 33.61
CA LYS A 113 -7.04 37.61 32.73
C LYS A 113 -6.59 37.83 31.29
N GLY A 114 -7.10 37.00 30.39
CA GLY A 114 -6.89 37.21 28.97
C GLY A 114 -5.50 36.86 28.49
N ASP A 115 -5.17 37.35 27.30
CA ASP A 115 -3.89 37.10 26.65
C ASP A 115 -2.70 37.57 27.47
N LYS A 116 -1.59 36.87 27.34
CA LYS A 116 -0.30 37.41 27.75
C LYS A 116 0.22 38.07 26.49
N THR A 117 0.54 39.36 26.56
CA THR A 117 1.08 40.05 25.39
C THR A 117 2.35 40.81 25.66
N LEU A 118 2.68 41.05 26.92
CA LEU A 118 3.82 41.87 27.25
C LEU A 118 4.65 41.30 28.38
N GLU A 119 5.96 41.52 28.32
CA GLU A 119 6.81 41.16 29.45
C GLU A 119 6.24 41.80 30.72
N GLY A 120 6.12 41.00 31.78
CA GLY A 120 5.67 41.49 33.08
C GLY A 120 4.19 41.78 33.24
N ASP A 121 3.35 41.37 32.29
CA ASP A 121 1.90 41.58 32.46
C ASP A 121 1.22 40.60 33.42
N LEU A 122 1.98 39.70 34.03
CA LEU A 122 1.47 38.75 35.04
C LEU A 122 0.44 37.76 34.51
N ALA A 123 0.42 37.53 33.20
CA ALA A 123 -0.61 36.67 32.60
C ALA A 123 -0.06 35.33 32.22
N THR A 124 -0.84 34.28 32.47
CA THR A 124 -0.56 32.96 31.90
C THR A 124 -1.03 32.98 30.44
N PRO A 125 -0.15 32.59 29.50
CA PRO A 125 -0.57 32.70 28.08
C PRO A 125 -1.66 31.71 27.70
N ILE A 126 -2.53 32.12 26.79
CA ILE A 126 -3.52 31.27 26.14
C ILE A 126 -2.94 30.76 24.81
N GLY A 127 -3.18 29.49 24.48
CA GLY A 127 -2.70 28.93 23.23
C GLY A 127 -2.14 27.52 23.37
N VAL A 128 -1.32 27.15 22.39
CA VAL A 128 -0.67 25.86 22.34
C VAL A 128 0.84 26.09 22.39
N TYR A 129 1.46 25.42 23.35
CA TYR A 129 2.86 25.57 23.67
C TYR A 129 3.48 24.17 23.70
N ARG A 130 4.79 24.16 23.70
CA ARG A 130 5.57 22.96 23.76
C ARG A 130 6.44 23.02 25.00
N ILE A 131 6.65 21.88 25.66
CA ILE A 131 7.56 21.77 26.77
C ILE A 131 8.90 21.37 26.17
N THR A 132 9.90 22.23 26.35
CA THR A 132 11.18 22.08 25.67
C THR A 132 12.25 21.41 26.53
N GLN A 133 12.10 21.50 27.85
CA GLN A 133 13.07 20.97 28.81
C GLN A 133 12.54 20.97 30.23
N LYS A 134 13.26 20.27 31.09
CA LYS A 134 13.05 20.23 32.51
C LYS A 134 14.21 20.94 33.21
N LEU A 135 13.92 21.79 34.19
CA LEU A 135 14.94 22.39 35.07
C LEU A 135 14.80 21.79 36.47
N GLU A 136 15.95 21.46 37.09
CA GLU A 136 15.96 20.74 38.38
C GLU A 136 16.89 21.31 39.45
N ARG A 137 17.60 22.40 39.18
CA ARG A 137 18.47 23.00 40.18
C ARG A 137 17.98 24.40 40.51
N LEU A 138 16.74 24.49 40.99
CA LEU A 138 16.08 25.79 41.11
C LEU A 138 15.92 26.20 42.56
N ASP A 139 15.64 27.49 42.77
CA ASP A 139 15.18 27.96 44.08
C ASP A 139 14.08 27.04 44.57
N GLN A 140 14.09 26.76 45.87
CA GLN A 140 13.09 25.87 46.49
C GLN A 140 11.64 26.30 46.26
N TYR A 141 11.41 27.58 45.97
CA TYR A 141 10.07 28.09 45.63
C TYR A 141 9.39 27.33 44.47
N TYR A 142 10.18 26.95 43.47
CA TYR A 142 9.71 26.24 42.29
C TYR A 142 9.35 24.76 42.49
N GLY A 143 9.69 24.19 43.64
CA GLY A 143 9.36 22.80 43.93
C GLY A 143 10.27 21.74 43.29
N VAL A 144 9.75 20.54 43.07
CA VAL A 144 10.55 19.43 42.52
C VAL A 144 11.22 19.70 41.17
N LEU A 145 10.55 20.42 40.29
CA LEU A 145 11.04 20.64 38.94
C LEU A 145 10.23 21.73 38.29
N ALA A 146 10.75 22.22 37.17
CA ALA A 146 10.02 23.13 36.30
C ALA A 146 10.13 22.63 34.86
N PHE A 147 8.99 22.46 34.22
CA PHE A 147 8.92 22.20 32.79
C PHE A 147 8.84 23.53 32.05
N VAL A 148 9.77 23.79 31.13
CA VAL A 148 9.87 25.06 30.46
C VAL A 148 8.97 25.05 29.24
N THR A 149 8.07 26.04 29.15
CA THR A 149 7.27 26.19 27.94
C THR A 149 7.97 27.16 27.01
N ASN A 150 7.62 27.07 25.73
CA ASN A 150 8.23 27.88 24.72
C ASN A 150 7.53 29.23 24.47
N TYR A 151 6.78 29.79 25.44
CA TYR A 151 6.30 31.17 25.27
C TYR A 151 7.54 32.06 25.11
N PRO A 152 7.53 32.98 24.14
CA PRO A 152 6.57 33.22 23.10
C PRO A 152 6.76 32.24 21.94
N ASN A 153 5.68 31.60 21.52
CA ASN A 153 5.78 30.62 20.45
C ASN A 153 5.81 31.37 19.12
N LEU A 154 5.75 30.66 18.02
CA LEU A 154 5.80 31.35 16.73
C LEU A 154 4.68 32.38 16.57
N TYR A 155 3.47 31.98 16.92
CA TYR A 155 2.32 32.86 16.82
C TYR A 155 2.48 34.12 17.68
N ASP A 156 2.90 33.93 18.91
CA ASP A 156 3.18 35.05 19.79
C ASP A 156 4.27 35.92 19.16
N THR A 157 5.30 35.29 18.62
CA THR A 157 6.45 36.05 18.06
C THR A 157 6.04 36.93 16.85
N LEU A 158 5.23 36.38 15.96
CA LEU A 158 4.78 37.13 14.80
C LEU A 158 3.75 38.19 15.14
N LYS A 159 3.08 38.04 16.29
CA LYS A 159 2.23 39.10 16.85
C LYS A 159 3.06 40.09 17.70
N LYS A 160 4.37 39.84 17.83
CA LYS A 160 5.30 40.71 18.52
C LYS A 160 5.04 40.79 20.03
N ARG A 161 4.52 39.70 20.60
CA ARG A 161 4.30 39.63 22.05
C ARG A 161 5.61 39.37 22.73
N THR A 162 5.78 40.02 23.88
CA THR A 162 7.03 39.98 24.59
C THR A 162 6.87 39.25 25.91
N GLY A 163 7.99 38.96 26.55
CA GLY A 163 8.01 38.22 27.79
C GLY A 163 8.77 36.94 27.58
N HIS A 164 8.94 36.17 28.65
CA HIS A 164 9.68 34.90 28.63
C HIS A 164 9.48 34.11 29.95
N GLY A 165 10.06 32.92 30.07
CA GLY A 165 10.10 32.19 31.34
C GLY A 165 8.79 31.67 31.93
N ILE A 166 7.86 31.24 31.07
CA ILE A 166 6.61 30.62 31.50
C ILE A 166 6.86 29.13 31.68
N TRP A 167 6.82 28.69 32.94
CA TRP A 167 7.06 27.29 33.28
C TRP A 167 5.84 26.68 33.95
N VAL A 168 5.72 25.35 33.83
CA VAL A 168 4.89 24.55 34.71
C VAL A 168 5.78 23.99 35.80
N HIS A 169 5.53 24.36 37.05
CA HIS A 169 6.38 23.93 38.17
C HIS A 169 5.59 23.51 39.41
N GLY A 170 6.32 23.25 40.51
CA GLY A 170 5.72 22.71 41.71
C GLY A 170 5.53 23.79 42.76
N MET A 171 5.22 23.37 43.99
CA MET A 171 5.00 24.30 45.11
C MET A 171 6.24 24.33 46.00
N PRO A 172 6.44 25.44 46.73
CA PRO A 172 7.65 25.59 47.52
C PRO A 172 7.96 24.39 48.40
N LEU A 173 9.22 23.98 48.35
CA LEU A 173 9.68 22.79 49.08
C LEU A 173 9.59 22.97 50.60
N ASN A 174 9.79 24.19 51.09
CA ASN A 174 9.64 24.43 52.53
C ASN A 174 8.20 24.30 53.03
N GLY A 175 7.25 24.21 52.10
CA GLY A 175 5.83 24.05 52.44
C GLY A 175 5.09 25.36 52.59
N ASP A 176 5.77 26.48 52.29
CA ASP A 176 5.12 27.77 52.25
C ASP A 176 4.00 27.80 51.22
N ARG A 177 2.87 28.41 51.60
CA ARG A 177 1.77 28.71 50.68
C ARG A 177 1.32 30.16 50.91
N ASN A 178 2.12 31.13 50.47
CA ASN A 178 1.85 32.58 50.70
C ASN A 178 1.43 33.35 49.46
N GLU A 179 0.96 32.67 48.42
CA GLU A 179 0.48 33.37 47.25
C GLU A 179 -0.72 32.65 46.67
N LEU A 180 -1.63 33.42 46.10
CA LEU A 180 -2.77 32.89 45.40
C LEU A 180 -2.57 32.89 43.89
N ASN A 181 -1.60 33.68 43.41
CA ASN A 181 -1.29 33.75 41.99
C ASN A 181 0.22 33.71 41.77
N THR A 182 0.63 33.15 40.64
CA THR A 182 2.00 33.29 40.15
C THR A 182 2.15 34.58 39.33
N LYS A 183 3.33 34.85 38.79
CA LYS A 183 3.47 35.91 37.79
C LYS A 183 3.25 35.45 36.33
N GLY A 184 2.59 34.30 36.12
CA GLY A 184 2.35 33.74 34.78
C GLY A 184 2.62 32.25 34.67
N CYS A 185 3.48 31.73 35.54
CA CYS A 185 3.72 30.30 35.56
C CYS A 185 2.49 29.51 36.02
N ILE A 186 2.48 28.23 35.74
CA ILE A 186 1.45 27.34 36.22
C ILE A 186 2.08 26.44 37.29
N ALA A 187 1.54 26.49 38.50
CA ALA A 187 2.10 25.71 39.59
C ALA A 187 1.08 24.72 40.16
N ILE A 188 1.55 23.48 40.40
CA ILE A 188 0.78 22.42 41.01
C ILE A 188 1.58 21.72 42.12
N GLU A 189 0.94 20.81 42.82
CA GLU A 189 1.58 20.14 43.94
C GLU A 189 2.71 19.23 43.47
N ASN A 190 3.74 19.11 44.30
CA ASN A 190 4.94 18.35 43.93
C ASN A 190 4.79 16.85 43.66
N PRO A 191 4.02 16.12 44.49
CA PRO A 191 3.89 14.68 44.22
C PRO A 191 3.25 14.37 42.87
N LEU A 192 2.26 15.15 42.50
CA LEU A 192 1.57 14.95 41.25
C LEU A 192 2.49 15.35 40.11
N LEU A 193 3.22 16.43 40.33
CA LEU A 193 4.17 16.88 39.32
C LEU A 193 5.22 15.81 39.05
N SER A 194 5.79 15.24 40.12
CA SER A 194 6.77 14.15 39.96
C SER A 194 6.20 12.95 39.23
N SER A 195 4.95 12.61 39.52
CA SER A 195 4.30 11.49 38.86
C SER A 195 4.15 11.73 37.37
N TYR A 196 3.89 12.98 37.00
CA TYR A 196 3.82 13.33 35.57
C TYR A 196 5.16 13.13 34.93
N ASP A 197 6.21 13.59 35.60
CA ASP A 197 7.55 13.49 35.07
C ASP A 197 7.96 12.02 34.83
N LYS A 198 7.54 11.13 35.72
CA LYS A 198 7.83 9.70 35.57
C LYS A 198 7.11 9.06 34.40
N VAL A 199 5.93 9.57 34.06
CA VAL A 199 5.22 9.11 32.87
C VAL A 199 5.91 9.65 31.64
N LEU A 200 6.36 10.89 31.72
CA LEU A 200 6.94 11.61 30.58
C LEU A 200 8.29 11.02 30.10
N LYS A 201 9.16 10.66 31.03
CA LYS A 201 10.43 10.01 30.71
C LYS A 201 11.25 10.84 29.74
N GLY A 202 11.21 12.15 29.90
CA GLY A 202 12.03 13.00 29.10
C GLY A 202 11.48 13.32 27.74
N GLU A 203 10.28 12.83 27.42
CA GLU A 203 9.60 13.21 26.18
C GLU A 203 9.13 14.66 26.27
N LYS A 204 9.03 15.28 25.11
CA LYS A 204 8.38 16.58 24.96
C LYS A 204 6.88 16.40 25.21
N ALA A 205 6.23 17.47 25.64
CA ALA A 205 4.79 17.48 25.87
C ALA A 205 4.25 18.70 25.12
N PHE A 206 2.98 18.64 24.75
CA PHE A 206 2.25 19.83 24.39
C PHE A 206 1.54 20.37 25.63
N LEU A 207 1.20 21.65 25.59
CA LEU A 207 0.42 22.28 26.61
C LEU A 207 -0.64 23.10 25.86
N ILE A 208 -1.89 22.82 26.16
CA ILE A 208 -3.02 23.60 25.64
C ILE A 208 -3.56 24.38 26.82
N THR A 209 -3.54 25.70 26.71
CA THR A 209 -4.05 26.56 27.76
C THR A 209 -5.20 27.42 27.20
N TYR A 210 -6.34 27.38 27.88
CA TYR A 210 -7.50 28.15 27.51
C TYR A 210 -8.06 28.87 28.73
N GLU A 211 -9.04 29.73 28.51
CA GLU A 211 -9.45 30.64 29.54
C GLU A 211 -10.73 30.24 30.25
N ASP A 212 -11.86 30.37 29.59
CA ASP A 212 -13.17 30.15 30.25
C ASP A 212 -13.77 28.83 29.84
N LYS A 213 -13.72 28.58 28.55
CA LYS A 213 -14.39 27.44 27.94
C LYS A 213 -13.54 26.96 26.78
N PHE A 214 -13.42 25.65 26.63
CA PHE A 214 -12.60 25.10 25.57
C PHE A 214 -13.51 24.69 24.42
N PHE A 215 -13.10 25.01 23.19
CA PHE A 215 -13.85 24.66 22.00
C PHE A 215 -13.05 23.64 21.20
N PRO A 216 -13.41 22.36 21.34
CA PRO A 216 -12.60 21.30 20.78
C PRO A 216 -12.55 21.35 19.27
N SER A 217 -11.52 20.77 18.70
CA SER A 217 -11.48 20.54 17.26
C SER A 217 -12.48 19.44 16.94
N THR A 218 -13.34 19.68 15.95
CA THR A 218 -14.30 18.65 15.53
C THR A 218 -13.65 17.76 14.46
N LYS A 219 -14.22 16.58 14.26
CA LYS A 219 -13.70 15.66 13.25
C LYS A 219 -13.80 16.26 11.86
N GLU A 220 -14.86 17.02 11.60
CA GLU A 220 -15.01 17.76 10.34
C GLU A 220 -13.88 18.78 10.14
N GLU A 221 -13.55 19.54 11.18
CA GLU A 221 -12.44 20.50 11.09
C GLU A 221 -11.13 19.78 10.84
N LEU A 222 -10.84 18.71 11.60
CA LEU A 222 -9.57 18.00 11.37
C LEU A 222 -9.51 17.43 9.94
N SER A 223 -10.62 16.87 9.46
CA SER A 223 -10.72 16.37 8.08
C SER A 223 -10.47 17.44 7.03
N MET A 224 -10.96 18.65 7.24
CA MET A 224 -10.72 19.76 6.32
C MET A 224 -9.26 20.19 6.32
N ILE A 225 -8.67 20.26 7.50
CA ILE A 225 -7.27 20.67 7.63
C ILE A 225 -6.33 19.64 7.02
N LEU A 226 -6.48 18.37 7.37
CA LEU A 226 -5.61 17.35 6.85
C LEU A 226 -5.70 17.19 5.32
N SER A 227 -6.91 17.28 4.75
CA SER A 227 -7.03 17.16 3.29
C SER A 227 -6.37 18.37 2.62
N SER A 228 -6.64 19.54 3.18
CA SER A 228 -6.04 20.77 2.68
C SER A 228 -4.53 20.74 2.79
N LEU A 229 -4.02 20.18 3.88
CA LEU A 229 -2.59 20.10 4.10
C LEU A 229 -1.96 19.33 2.96
N PHE A 230 -2.53 18.21 2.60
CA PHE A 230 -1.91 17.43 1.53
C PHE A 230 -2.14 18.03 0.17
N GLN A 231 -3.24 18.75 -0.01
CA GLN A 231 -3.47 19.44 -1.26
C GLN A 231 -2.45 20.56 -1.46
N TRP A 232 -2.17 21.25 -0.37
CA TRP A 232 -1.24 22.36 -0.39
C TRP A 232 0.17 21.85 -0.69
N LYS A 233 0.55 20.74 -0.06
CA LYS A 233 1.84 20.08 -0.32
C LYS A 233 2.03 19.76 -1.81
N GLU A 234 1.04 19.11 -2.40
CA GLU A 234 1.13 18.69 -3.79
C GLU A 234 1.00 19.81 -4.81
N ALA A 235 0.29 20.89 -4.47
CA ALA A 235 0.26 22.06 -5.30
C ALA A 235 1.65 22.67 -5.30
N TRP A 236 2.24 22.74 -4.12
CA TRP A 236 3.61 23.18 -3.93
C TRP A 236 4.58 22.36 -4.77
N ALA A 237 4.57 21.06 -4.57
CA ALA A 237 5.53 20.19 -5.25
C ALA A 237 5.43 20.24 -6.77
N ARG A 238 4.21 20.30 -7.32
CA ARG A 238 4.02 20.29 -8.78
C ARG A 238 4.13 21.69 -9.38
N GLY A 239 4.32 22.71 -8.55
CA GLY A 239 4.49 24.07 -9.03
C GLY A 239 3.23 24.77 -9.51
N ASP A 240 2.07 24.34 -9.03
CA ASP A 240 0.81 25.04 -9.30
C ASP A 240 0.66 26.30 -8.44
N PHE A 241 1.07 27.43 -9.03
CA PHE A 241 1.16 28.69 -8.30
C PHE A 241 -0.18 29.21 -7.84
N GLU A 242 -1.18 29.17 -8.70
CA GLU A 242 -2.49 29.69 -8.32
C GLU A 242 -3.13 28.84 -7.19
N ARG A 243 -3.07 27.52 -7.33
CA ARG A 243 -3.65 26.63 -6.33
C ARG A 243 -2.90 26.76 -4.98
N TYR A 244 -1.58 26.83 -5.05
CA TYR A 244 -0.77 27.00 -3.84
C TYR A 244 -1.15 28.28 -3.13
N MET A 245 -1.17 29.39 -3.88
CA MET A 245 -1.43 30.69 -3.28
C MET A 245 -2.80 30.81 -2.65
N ARG A 246 -3.79 30.09 -3.16
CA ARG A 246 -5.13 30.16 -2.60
C ARG A 246 -5.21 29.67 -1.15
N PHE A 247 -4.24 28.88 -0.70
CA PHE A 247 -4.23 28.37 0.67
C PHE A 247 -3.80 29.44 1.67
N TYR A 248 -3.21 30.52 1.19
CA TYR A 248 -2.67 31.56 2.05
C TYR A 248 -3.68 32.67 2.31
N ASN A 249 -3.85 32.99 3.59
CA ASN A 249 -4.69 34.10 4.00
C ASN A 249 -4.03 35.41 3.64
N PRO A 250 -4.82 36.39 3.15
CA PRO A 250 -4.28 37.73 2.88
C PRO A 250 -3.44 38.35 4.02
N ASN A 251 -3.77 38.03 5.28
CA ASN A 251 -3.02 38.51 6.44
C ASN A 251 -1.74 37.73 6.73
N PHE A 252 -1.41 36.76 5.88
CA PHE A 252 -0.26 35.88 6.10
C PHE A 252 1.05 36.53 6.53
N THR A 253 1.69 35.90 7.51
CA THR A 253 3.05 36.25 7.91
C THR A 253 3.94 35.04 8.01
N ARG A 254 5.09 35.09 7.32
CA ARG A 254 6.06 34.04 7.37
C ARG A 254 6.96 34.20 8.60
N TYR A 255 7.64 33.12 9.00
CA TYR A 255 8.40 33.09 10.25
C TYR A 255 9.44 34.21 10.36
N ASP A 256 9.96 34.66 9.22
CA ASP A 256 10.96 35.72 9.20
C ASP A 256 10.32 37.10 8.96
N GLY A 257 9.01 37.20 9.12
CA GLY A 257 8.34 38.49 9.02
C GLY A 257 7.85 38.85 7.64
N MET A 258 8.28 38.13 6.60
CA MET A 258 7.75 38.39 5.26
C MET A 258 6.22 38.27 5.22
N LYS A 259 5.57 39.27 4.63
CA LYS A 259 4.12 39.29 4.49
C LYS A 259 3.68 38.84 3.11
N PHE A 260 2.36 38.81 2.90
CA PHE A 260 1.71 38.19 1.73
C PHE A 260 2.21 38.66 0.37
N ASN A 261 2.28 39.98 0.18
CA ASN A 261 2.63 40.54 -1.14
C ASN A 261 4.03 40.17 -1.58
N ALA A 262 5.03 40.42 -0.73
CA ALA A 262 6.38 40.00 -1.09
C ALA A 262 6.43 38.46 -1.19
N PHE A 263 5.68 37.76 -0.35
CA PHE A 263 5.69 36.29 -0.39
C PHE A 263 5.21 35.78 -1.75
N LYS A 264 4.09 36.33 -2.18
CA LYS A 264 3.49 35.94 -3.44
C LYS A 264 4.42 36.30 -4.63
N GLU A 265 5.03 37.48 -4.59
CA GLU A 265 6.01 37.94 -5.60
C GLU A 265 7.13 36.93 -5.78
N TYR A 266 7.78 36.63 -4.65
CA TYR A 266 8.83 35.63 -4.58
C TYR A 266 8.42 34.26 -5.12
N LYS A 267 7.33 33.72 -4.57
CA LYS A 267 6.87 32.40 -4.99
C LYS A 267 6.53 32.32 -6.48
N LYS A 268 5.97 33.39 -7.02
CA LYS A 268 5.72 33.50 -8.47
C LYS A 268 7.00 33.20 -9.27
N ARG A 269 8.09 33.89 -8.92
CA ARG A 269 9.40 33.68 -9.55
C ARG A 269 9.87 32.24 -9.38
N VAL A 270 9.86 31.75 -8.14
CA VAL A 270 10.31 30.38 -7.81
C VAL A 270 9.55 29.35 -8.63
N PHE A 271 8.23 29.47 -8.65
CA PHE A 271 7.38 28.48 -9.32
C PHE A 271 7.57 28.52 -10.85
N ALA A 272 7.80 29.70 -11.40
CA ALA A 272 8.07 29.82 -12.84
C ALA A 272 9.34 29.07 -13.31
N LYS A 273 10.32 28.89 -12.43
CA LYS A 273 11.48 28.02 -12.73
C LYS A 273 11.11 26.56 -13.06
N ASN A 274 9.92 26.12 -12.65
CA ASN A 274 9.43 24.77 -12.94
C ASN A 274 10.39 23.64 -12.55
N GLU A 275 11.01 23.72 -11.38
CA GLU A 275 11.86 22.63 -10.89
C GLU A 275 11.01 21.50 -10.33
N LYS A 276 11.48 20.29 -10.46
CA LYS A 276 10.78 19.12 -9.96
C LYS A 276 11.05 19.02 -8.45
N LYS A 277 10.03 18.65 -7.68
CA LYS A 277 10.21 18.52 -6.23
C LYS A 277 9.43 17.34 -5.76
N ASN A 278 9.99 16.68 -4.76
CA ASN A 278 9.27 15.70 -3.96
C ASN A 278 9.25 16.18 -2.49
N ILE A 279 8.06 16.18 -1.89
CA ILE A 279 7.86 16.63 -0.50
C ILE A 279 7.01 15.62 0.27
N ALA A 280 7.39 15.31 1.52
CA ALA A 280 6.62 14.39 2.35
C ALA A 280 6.50 14.91 3.77
N PHE A 281 5.30 14.76 4.35
CA PHE A 281 5.02 15.15 5.73
C PHE A 281 4.81 13.95 6.63
N SER A 282 5.51 13.94 7.77
CA SER A 282 5.36 12.88 8.75
C SER A 282 5.32 13.45 10.19
N SER A 283 5.05 12.57 11.16
CA SER A 283 4.78 12.96 12.55
C SER A 283 3.89 14.18 12.64
N ILE A 284 2.73 14.09 12.00
CA ILE A 284 1.83 15.23 11.90
C ILE A 284 0.95 15.37 13.13
N ASN A 285 0.94 16.55 13.76
CA ASN A 285 -0.04 16.92 14.77
C ASN A 285 -0.82 18.18 14.36
N VAL A 286 -2.13 18.20 14.62
CA VAL A 286 -3.03 19.31 14.32
C VAL A 286 -3.79 19.54 15.62
N ILE A 287 -3.66 20.74 16.15
CA ILE A 287 -4.11 21.04 17.49
C ILE A 287 -4.94 22.30 17.51
N PRO A 288 -6.18 22.24 18.05
CA PRO A 288 -6.99 23.47 18.16
C PRO A 288 -6.27 24.51 19.04
N TYR A 289 -6.34 25.79 18.68
CA TYR A 289 -5.49 26.81 19.27
C TYR A 289 -6.38 27.83 19.98
N PRO A 290 -6.47 27.77 21.33
CA PRO A 290 -7.34 28.73 22.03
C PRO A 290 -6.85 30.14 21.83
N ASN A 291 -7.78 31.05 21.58
CA ASN A 291 -7.43 32.45 21.40
C ASN A 291 -8.57 33.33 21.86
N SER A 292 -8.24 34.59 22.14
CA SER A 292 -9.16 35.52 22.78
C SER A 292 -10.34 35.89 21.88
N GLN A 293 -10.17 35.88 20.56
CA GLN A 293 -11.29 36.19 19.66
C GLN A 293 -12.14 34.95 19.39
N ASN A 294 -11.78 33.82 19.96
CA ASN A 294 -12.37 32.52 19.59
C ASN A 294 -12.48 32.25 18.06
N LYS A 295 -11.51 32.73 17.27
CA LYS A 295 -11.43 32.32 15.87
C LYS A 295 -11.17 30.83 15.87
N ARG A 296 -11.53 30.14 14.79
CA ARG A 296 -11.15 28.76 14.64
C ARG A 296 -9.71 28.69 14.09
N LEU A 297 -8.76 28.75 15.01
CA LEU A 297 -7.34 28.58 14.72
C LEU A 297 -6.80 27.22 15.13
N PHE A 298 -5.85 26.71 14.33
CA PHE A 298 -5.17 25.46 14.62
C PHE A 298 -3.67 25.59 14.41
N TYR A 299 -2.91 24.92 15.28
CA TYR A 299 -1.47 24.75 15.15
C TYR A 299 -1.19 23.40 14.51
N VAL A 300 -0.39 23.39 13.45
CA VAL A 300 -0.06 22.17 12.74
C VAL A 300 1.44 22.05 12.70
N VAL A 301 1.93 20.91 13.16
CA VAL A 301 3.37 20.73 13.25
C VAL A 301 3.71 19.35 12.70
N PHE A 302 4.81 19.26 11.96
CA PHE A 302 5.20 18.04 11.28
C PHE A 302 6.66 18.08 10.82
N ASP A 303 7.20 16.90 10.52
CA ASP A 303 8.50 16.75 9.87
C ASP A 303 8.30 16.79 8.38
N GLN A 304 9.17 17.52 7.69
CA GLN A 304 9.05 17.68 6.26
C GLN A 304 10.35 17.20 5.62
N ASP A 305 10.20 16.34 4.63
CA ASP A 305 11.29 15.88 3.80
C ASP A 305 11.09 16.56 2.47
N TYR A 306 12.07 17.36 2.06
CA TYR A 306 11.93 18.19 0.88
C TYR A 306 13.12 17.93 -0.01
N LYS A 307 12.84 17.76 -1.30
CA LYS A 307 13.87 17.50 -2.30
C LYS A 307 13.46 18.20 -3.60
N ALA A 308 14.43 18.85 -4.22
CA ALA A 308 14.22 19.57 -5.48
C ALA A 308 15.34 19.17 -6.43
N TYR A 309 15.04 19.18 -7.71
CA TYR A 309 15.94 18.63 -8.71
C TYR A 309 16.14 19.66 -9.81
N GLN A 310 17.29 19.62 -10.48
CA GLN A 310 17.52 20.37 -11.72
C GLN A 310 18.02 19.35 -12.73
N HIS A 311 17.31 19.19 -13.84
CA HIS A 311 17.66 18.21 -14.87
C HIS A 311 17.93 16.85 -14.25
N ASN A 312 17.00 16.42 -13.40
CA ASN A 312 17.07 15.15 -12.70
C ASN A 312 18.28 14.91 -11.78
N LYS A 313 19.08 15.94 -11.52
CA LYS A 313 20.05 15.87 -10.45
C LYS A 313 19.49 16.58 -9.22
N LEU A 314 19.62 15.93 -8.06
CA LEU A 314 19.22 16.46 -6.77
C LEU A 314 19.97 17.76 -6.59
N SER A 315 19.26 18.86 -6.43
CA SER A 315 19.91 20.14 -6.29
C SER A 315 19.74 20.78 -4.91
N TYR A 316 18.76 20.32 -4.12
CA TYR A 316 18.54 20.81 -2.77
C TYR A 316 17.80 19.73 -1.97
N SER A 317 18.21 19.50 -0.71
CA SER A 317 17.43 18.69 0.19
C SER A 317 17.45 19.24 1.60
N SER A 318 16.36 18.99 2.31
CA SER A 318 16.25 19.33 3.71
C SER A 318 15.26 18.45 4.44
N ASN A 319 15.53 18.26 5.71
CA ASN A 319 14.61 17.67 6.66
C ASN A 319 14.47 18.66 7.79
N SER A 320 13.23 19.09 8.03
CA SER A 320 12.98 20.17 8.95
C SER A 320 11.69 19.94 9.74
N GLN A 321 11.53 20.73 10.80
CA GLN A 321 10.26 20.77 11.52
C GLN A 321 9.46 21.97 11.07
N LYS A 322 8.32 21.73 10.43
CA LYS A 322 7.46 22.81 9.96
C LYS A 322 6.38 23.09 10.99
N GLU A 323 5.94 24.34 10.96
CA GLU A 323 4.84 24.83 11.77
C GLU A 323 3.94 25.68 10.89
N LEU A 324 2.65 25.42 10.97
CA LEU A 324 1.65 26.28 10.41
C LEU A 324 0.68 26.73 11.48
N TYR A 325 0.15 27.93 11.33
CA TYR A 325 -1.06 28.31 12.02
C TYR A 325 -2.09 28.52 10.91
N ILE A 326 -3.22 27.86 11.10
CA ILE A 326 -4.30 27.77 10.11
C ILE A 326 -5.59 28.30 10.78
N GLU A 327 -6.39 29.01 9.99
CA GLU A 327 -7.74 29.42 10.35
C GLU A 327 -8.78 28.73 9.47
N ILE A 328 -9.89 28.32 10.09
CA ILE A 328 -11.12 27.98 9.34
C ILE A 328 -12.11 29.11 9.55
N GLU A 329 -12.47 29.75 8.45
CA GLU A 329 -13.45 30.84 8.46
C GLU A 329 -14.22 30.78 7.16
N ASN A 330 -15.53 30.92 7.23
CA ASN A 330 -16.39 30.87 6.05
C ASN A 330 -16.22 29.54 5.35
N ASN A 331 -16.05 28.49 6.16
CA ASN A 331 -15.87 27.12 5.70
C ASN A 331 -14.67 26.94 4.72
N GLN A 332 -13.63 27.74 4.89
CA GLN A 332 -12.41 27.63 4.07
C GLN A 332 -11.18 27.58 4.97
N VAL A 333 -10.24 26.70 4.63
CA VAL A 333 -8.96 26.59 5.35
C VAL A 333 -7.98 27.63 4.82
N SER A 334 -7.35 28.41 5.70
CA SER A 334 -6.26 29.27 5.23
C SER A 334 -5.05 29.35 6.18
N ILE A 335 -3.87 29.58 5.60
CA ILE A 335 -2.62 29.62 6.34
C ILE A 335 -2.36 31.07 6.72
N ILE A 336 -2.31 31.33 8.03
CA ILE A 336 -2.06 32.68 8.50
C ILE A 336 -0.55 32.90 8.86
N MET A 337 0.14 31.83 9.19
CA MET A 337 1.56 31.86 9.48
C MET A 337 2.19 30.51 9.14
N GLU A 338 3.46 30.55 8.72
CA GLU A 338 4.23 29.40 8.32
C GLU A 338 5.69 29.59 8.68
N LYS A 339 6.24 28.56 9.31
CA LYS A 339 7.66 28.35 9.36
C LYS A 339 7.92 27.09 8.55
N LEU B 24 -9.91 -1.61 13.47
CA LEU B 24 -9.96 -2.98 12.97
C LEU B 24 -8.79 -3.26 12.06
N ASN B 25 -8.74 -4.48 11.56
CA ASN B 25 -7.59 -4.89 10.82
C ASN B 25 -7.39 -4.12 9.55
N ALA B 26 -8.43 -3.95 8.74
CA ALA B 26 -8.26 -3.26 7.47
C ALA B 26 -7.97 -1.79 7.71
N SER B 27 -8.60 -1.21 8.71
CA SER B 27 -8.24 0.15 9.13
C SER B 27 -6.77 0.29 9.54
N ASP B 28 -6.25 -0.66 10.30
CA ASP B 28 -4.85 -0.66 10.73
C ASP B 28 -3.87 -0.90 9.58
N ARG B 29 -4.23 -1.82 8.68
CA ARG B 29 -3.38 -2.17 7.57
C ARG B 29 -3.24 -0.99 6.60
N LEU B 30 -4.35 -0.28 6.38
CA LEU B 30 -4.34 0.87 5.53
C LEU B 30 -3.51 1.98 6.17
N LEU B 31 -3.73 2.22 7.46
CA LEU B 31 -3.03 3.29 8.16
C LEU B 31 -1.53 3.08 8.10
N GLU B 32 -1.11 1.84 8.32
CA GLU B 32 0.32 1.45 8.20
C GLU B 32 0.92 1.84 6.83
N ILE B 33 0.18 1.55 5.77
CA ILE B 33 0.61 1.88 4.42
C ILE B 33 0.73 3.41 4.23
N MET B 34 -0.28 4.15 4.68
CA MET B 34 -0.30 5.61 4.52
C MET B 34 0.85 6.24 5.27
N ARG B 35 1.11 5.78 6.49
CA ARG B 35 2.21 6.31 7.30
C ARG B 35 3.55 5.97 6.70
N LEU B 36 3.70 4.71 6.27
CA LEU B 36 4.90 4.29 5.58
C LEU B 36 5.19 5.12 4.33
N TYR B 37 4.18 5.38 3.52
CA TYR B 37 4.34 6.17 2.29
C TYR B 37 5.01 7.53 2.57
N GLN B 38 4.52 8.25 3.58
CA GLN B 38 5.04 9.58 3.88
C GLN B 38 6.33 9.57 4.69
N LYS B 39 6.52 8.55 5.51
CA LYS B 39 7.71 8.48 6.38
C LYS B 39 8.91 7.86 5.65
N GLN B 40 8.70 6.76 4.93
CA GLN B 40 9.78 6.06 4.26
C GLN B 40 9.77 6.06 2.73
N GLY B 41 8.64 6.42 2.11
CA GLY B 41 8.62 6.50 0.64
C GLY B 41 7.90 5.36 -0.07
N LEU B 42 7.67 5.60 -1.36
CA LEU B 42 6.83 4.73 -2.18
C LEU B 42 7.47 3.35 -2.40
N GLU B 43 8.80 3.33 -2.45
CA GLU B 43 9.55 2.08 -2.53
C GLU B 43 9.29 1.12 -1.36
N MET B 44 9.27 1.64 -0.14
CA MET B 44 8.92 0.81 1.02
C MET B 44 7.46 0.35 1.01
N VAL B 45 6.56 1.17 0.47
CA VAL B 45 5.18 0.75 0.26
C VAL B 45 5.14 -0.49 -0.64
N GLY B 46 5.88 -0.43 -1.74
CA GLY B 46 6.00 -1.58 -2.65
C GLY B 46 6.49 -2.85 -1.98
N GLN B 47 7.51 -2.73 -1.14
CA GLN B 47 7.99 -3.86 -0.35
C GLN B 47 6.96 -4.43 0.60
N LYS B 48 6.16 -3.56 1.21
CA LYS B 48 5.07 -4.00 2.07
C LYS B 48 3.95 -4.72 1.28
N LEU B 49 3.62 -4.22 0.10
CA LEU B 49 2.61 -4.90 -0.72
C LEU B 49 3.13 -6.30 -1.12
N ASP B 50 4.43 -6.36 -1.45
CA ASP B 50 5.14 -7.62 -1.71
C ASP B 50 5.07 -8.60 -0.56
N SER B 51 5.24 -8.12 0.68
CA SER B 51 5.11 -9.02 1.83
C SER B 51 3.69 -9.63 1.95
N TYR B 52 2.65 -8.92 1.51
CA TYR B 52 1.30 -9.50 1.48
C TYR B 52 1.20 -10.58 0.43
N LEU B 53 1.78 -10.33 -0.74
CA LEU B 53 1.70 -11.27 -1.87
C LEU B 53 2.49 -12.56 -1.54
N ALA B 54 3.49 -12.44 -0.66
CA ALA B 54 4.23 -13.60 -0.19
C ALA B 54 3.54 -14.34 0.98
N ASP B 55 2.36 -13.91 1.39
CA ASP B 55 1.71 -14.43 2.61
C ASP B 55 0.54 -15.35 2.26
N LYS B 56 0.58 -16.60 2.72
CA LYS B 56 -0.51 -17.52 2.39
C LYS B 56 -1.87 -17.04 2.91
N SER B 57 -1.91 -16.48 4.12
CA SER B 57 -3.22 -16.07 4.65
C SER B 57 -3.77 -14.90 3.85
N PHE B 58 -2.91 -14.07 3.25
CA PHE B 58 -3.42 -13.02 2.36
C PHE B 58 -4.17 -13.62 1.18
N TRP B 59 -3.57 -14.63 0.55
CA TRP B 59 -4.23 -15.26 -0.59
C TRP B 59 -5.50 -16.01 -0.16
N ALA B 60 -5.45 -16.68 0.99
CA ALA B 60 -6.64 -17.37 1.54
C ALA B 60 -7.83 -16.42 1.58
N GLU B 61 -7.62 -15.23 2.15
CA GLU B 61 -8.64 -14.21 2.17
C GLU B 61 -9.03 -13.76 0.75
N GLU B 62 -8.04 -13.41 -0.07
CA GLU B 62 -8.30 -12.93 -1.43
C GLU B 62 -9.08 -13.93 -2.32
N LEU B 63 -8.82 -15.22 -2.18
CA LEU B 63 -9.51 -16.23 -2.99
C LEU B 63 -10.88 -16.73 -2.46
N GLN B 64 -11.28 -16.30 -1.26
CA GLN B 64 -12.35 -17.01 -0.53
C GLN B 64 -13.70 -17.14 -1.25
N ASN B 65 -14.11 -16.10 -2.00
CA ASN B 65 -15.36 -16.21 -2.78
C ASN B 65 -15.15 -16.23 -4.29
N LYS B 66 -14.01 -16.77 -4.74
CA LYS B 66 -13.73 -16.85 -6.17
C LYS B 66 -14.08 -18.23 -6.68
N ASP B 67 -14.36 -18.33 -7.97
CA ASP B 67 -14.53 -19.65 -8.60
C ASP B 67 -13.13 -20.23 -8.91
N THR B 68 -12.59 -21.03 -7.99
CA THR B 68 -11.20 -21.50 -8.06
C THR B 68 -10.92 -22.94 -8.55
N ASP B 69 -11.95 -23.69 -8.90
CA ASP B 69 -11.78 -25.11 -9.32
C ASP B 69 -10.84 -25.32 -10.53
N PHE B 70 -10.87 -24.41 -11.48
CA PHE B 70 -10.04 -24.54 -12.67
C PHE B 70 -8.76 -23.71 -12.56
N GLY B 71 -8.51 -23.12 -11.41
CA GLY B 71 -7.29 -22.37 -11.17
C GLY B 71 -7.52 -20.92 -10.83
N TYR B 72 -6.40 -20.22 -10.61
CA TYR B 72 -6.35 -18.79 -10.41
C TYR B 72 -5.96 -18.11 -11.73
N TYR B 73 -6.69 -17.06 -12.09
CA TYR B 73 -6.46 -16.32 -13.32
C TYR B 73 -6.48 -14.85 -12.94
N GLN B 74 -5.32 -14.20 -12.98
CA GLN B 74 -5.20 -12.85 -12.47
C GLN B 74 -6.02 -11.88 -13.31
N ASN B 75 -5.89 -11.96 -14.63
CA ASN B 75 -6.65 -11.11 -15.51
C ASN B 75 -7.69 -11.93 -16.23
N LYS B 76 -8.42 -11.27 -17.12
CA LYS B 76 -9.45 -11.91 -17.88
C LYS B 76 -8.81 -12.98 -18.73
N GLN B 77 -9.44 -14.14 -18.79
CA GLN B 77 -8.93 -15.26 -19.58
C GLN B 77 -10.11 -16.13 -20.07
N PHE B 78 -9.84 -16.97 -21.04
CA PHE B 78 -10.84 -17.87 -21.62
C PHE B 78 -10.35 -19.29 -21.43
N LEU B 79 -11.29 -20.20 -21.19
CA LEU B 79 -10.97 -21.57 -20.84
C LEU B 79 -11.89 -22.60 -21.49
N PHE B 80 -11.32 -23.52 -22.26
CA PHE B 80 -11.99 -24.75 -22.67
C PHE B 80 -11.68 -25.87 -21.69
N VAL B 81 -12.68 -26.66 -21.35
CA VAL B 81 -12.46 -27.82 -20.51
C VAL B 81 -12.97 -29.03 -21.28
N ALA B 82 -12.07 -29.96 -21.59
CA ALA B 82 -12.42 -31.18 -22.32
C ALA B 82 -12.37 -32.41 -21.43
N ASN B 83 -13.47 -33.13 -21.38
CA ASN B 83 -13.52 -34.41 -20.71
C ASN B 83 -13.42 -35.48 -21.78
N LYS B 84 -12.26 -36.14 -21.88
CA LYS B 84 -12.02 -37.21 -22.86
C LYS B 84 -13.03 -38.37 -22.78
N SER B 85 -13.46 -38.68 -21.56
CA SER B 85 -14.30 -39.85 -21.28
C SER B 85 -15.76 -39.73 -21.75
N LYS B 86 -16.35 -38.54 -21.66
CA LYS B 86 -17.77 -38.35 -21.95
C LYS B 86 -18.18 -38.71 -23.39
N PRO B 87 -17.57 -38.09 -24.41
CA PRO B 87 -16.65 -36.96 -24.36
C PRO B 87 -17.39 -35.64 -24.52
N SER B 88 -16.82 -34.57 -23.97
CA SER B 88 -17.47 -33.26 -23.98
C SER B 88 -16.46 -32.11 -23.95
N LEU B 89 -16.96 -30.92 -24.30
CA LEU B 89 -16.18 -29.70 -24.28
C LEU B 89 -17.01 -28.54 -23.76
N GLU B 90 -16.48 -27.86 -22.74
CA GLU B 90 -17.12 -26.69 -22.16
C GLU B 90 -16.28 -25.46 -22.44
N PHE B 91 -16.91 -24.29 -22.43
CA PHE B 91 -16.19 -23.06 -22.70
C PHE B 91 -16.59 -22.02 -21.67
N TYR B 92 -15.58 -21.35 -21.13
CA TYR B 92 -15.78 -20.39 -20.05
C TYR B 92 -15.14 -19.04 -20.35
N GLU B 93 -15.74 -18.02 -19.75
CA GLU B 93 -15.15 -16.72 -19.65
C GLU B 93 -14.80 -16.57 -18.20
N ILE B 94 -13.62 -16.02 -17.90
CA ILE B 94 -13.17 -15.84 -16.53
C ILE B 94 -12.70 -14.41 -16.29
N GLU B 95 -13.43 -13.68 -15.45
CA GLU B 95 -13.13 -12.28 -15.18
C GLU B 95 -13.21 -12.12 -13.66
N ASN B 96 -12.18 -11.53 -13.07
CA ASN B 96 -11.97 -11.53 -11.61
C ASN B 96 -12.09 -12.90 -10.98
N ASN B 97 -11.70 -13.93 -11.75
CA ASN B 97 -11.73 -15.31 -11.31
C ASN B 97 -13.14 -15.82 -11.01
N MET B 98 -14.15 -15.25 -11.66
CA MET B 98 -15.48 -15.80 -11.58
C MET B 98 -15.73 -16.44 -12.94
N LEU B 99 -16.26 -17.66 -12.93
CA LEU B 99 -16.54 -18.37 -14.15
C LEU B 99 -17.89 -17.98 -14.71
N LYS B 100 -17.92 -17.63 -15.98
CA LYS B 100 -19.15 -17.56 -16.74
C LYS B 100 -19.06 -18.64 -17.80
N LYS B 101 -19.95 -19.62 -17.69
CA LYS B 101 -19.99 -20.69 -18.67
C LYS B 101 -20.74 -20.23 -19.91
N ILE B 102 -20.04 -20.20 -21.05
CA ILE B 102 -20.64 -19.77 -22.32
C ILE B 102 -21.50 -20.89 -22.93
N ASN B 103 -20.96 -22.11 -22.92
CA ASN B 103 -21.73 -23.25 -23.37
C ASN B 103 -20.97 -24.55 -23.14
N SER B 104 -21.64 -25.65 -23.44
CA SER B 104 -21.00 -26.97 -23.48
C SER B 104 -21.69 -27.85 -24.51
N SER B 105 -21.00 -28.89 -24.94
CA SER B 105 -21.57 -29.86 -25.87
C SER B 105 -20.77 -31.14 -25.87
N LYS B 106 -21.29 -32.12 -26.60
CA LYS B 106 -20.62 -33.39 -26.79
C LYS B 106 -19.50 -33.12 -27.78
N ALA B 107 -18.52 -34.01 -27.82
CA ALA B 107 -17.37 -33.83 -28.69
C ALA B 107 -16.79 -35.15 -29.17
N LEU B 108 -16.18 -35.13 -30.36
CA LEU B 108 -15.35 -36.25 -30.82
C LEU B 108 -13.91 -36.02 -30.36
N VAL B 109 -13.29 -37.11 -29.90
CA VAL B 109 -11.90 -37.13 -29.41
C VAL B 109 -11.17 -38.35 -29.95
N GLY B 110 -9.87 -38.42 -29.72
CA GLY B 110 -9.07 -39.55 -30.18
C GLY B 110 -9.55 -40.89 -29.61
N SER B 111 -9.21 -41.97 -30.29
CA SER B 111 -9.66 -43.31 -29.88
C SER B 111 -8.80 -43.90 -28.76
N LYS B 112 -7.52 -43.53 -28.71
CA LYS B 112 -6.62 -44.05 -27.68
C LYS B 112 -6.92 -43.40 -26.33
N LYS B 113 -7.21 -44.24 -25.35
CA LYS B 113 -7.34 -43.79 -23.98
C LYS B 113 -5.96 -43.56 -23.40
N GLY B 114 -5.93 -42.74 -22.36
CA GLY B 114 -4.70 -42.43 -21.64
C GLY B 114 -3.97 -41.26 -22.27
N ASP B 115 -2.67 -41.21 -22.03
CA ASP B 115 -1.82 -40.15 -22.55
C ASP B 115 -1.54 -40.19 -24.04
N LYS B 116 -1.30 -39.01 -24.62
CA LYS B 116 -0.57 -38.95 -25.88
C LYS B 116 0.91 -38.88 -25.56
N THR B 117 1.68 -39.81 -26.12
CA THR B 117 3.14 -39.80 -25.99
C THR B 117 3.89 -39.83 -27.31
N LEU B 118 3.20 -40.13 -28.42
CA LEU B 118 3.89 -40.36 -29.68
C LEU B 118 3.15 -39.86 -30.91
N GLU B 119 3.92 -39.45 -31.90
CA GLU B 119 3.42 -39.10 -33.21
C GLU B 119 2.58 -40.28 -33.74
N GLY B 120 1.32 -40.02 -34.04
CA GLY B 120 0.44 -41.03 -34.64
C GLY B 120 -0.21 -42.06 -33.72
N ASP B 121 -0.22 -41.82 -32.42
CA ASP B 121 -0.81 -42.76 -31.46
C ASP B 121 -2.31 -42.55 -31.21
N LEU B 122 -2.93 -41.62 -31.93
CA LEU B 122 -4.38 -41.43 -31.91
C LEU B 122 -4.97 -40.96 -30.59
N ALA B 123 -4.15 -40.39 -29.71
CA ALA B 123 -4.64 -39.98 -28.39
C ALA B 123 -4.91 -38.50 -28.35
N THR B 124 -5.96 -38.12 -27.64
CA THR B 124 -6.15 -36.71 -27.28
C THR B 124 -5.31 -36.51 -25.99
N PRO B 125 -4.37 -35.55 -25.97
CA PRO B 125 -3.54 -35.48 -24.76
C PRO B 125 -4.29 -34.98 -23.52
N ILE B 126 -3.78 -35.34 -22.36
CA ILE B 126 -4.31 -34.96 -21.07
C ILE B 126 -3.33 -33.93 -20.52
N GLY B 127 -3.85 -32.86 -19.92
CA GLY B 127 -3.02 -31.81 -19.30
C GLY B 127 -3.60 -30.41 -19.52
N VAL B 128 -2.74 -29.39 -19.46
CA VAL B 128 -3.13 -28.00 -19.68
C VAL B 128 -2.42 -27.53 -20.94
N TYR B 129 -3.19 -26.99 -21.87
CA TYR B 129 -2.66 -26.56 -23.16
C TYR B 129 -3.09 -25.13 -23.43
N ARG B 130 -2.52 -24.54 -24.46
CA ARG B 130 -2.80 -23.15 -24.86
C ARG B 130 -3.24 -23.16 -26.32
N ILE B 131 -4.28 -22.39 -26.64
CA ILE B 131 -4.69 -22.13 -28.03
C ILE B 131 -3.83 -21.00 -28.60
N THR B 132 -3.03 -21.32 -29.62
CA THR B 132 -2.02 -20.42 -30.12
C THR B 132 -2.49 -19.63 -31.35
N GLN B 133 -3.41 -20.21 -32.10
CA GLN B 133 -3.90 -19.61 -33.34
C GLN B 133 -5.17 -20.30 -33.85
N LYS B 134 -5.82 -19.63 -34.79
CA LYS B 134 -6.97 -20.17 -35.50
C LYS B 134 -6.64 -20.32 -36.96
N LEU B 135 -6.93 -21.49 -37.50
CA LEU B 135 -6.82 -21.74 -38.93
C LEU B 135 -8.22 -21.67 -39.55
N GLU B 136 -8.27 -21.30 -40.83
CA GLU B 136 -9.53 -21.16 -41.55
C GLU B 136 -9.53 -21.61 -43.01
N ARG B 137 -8.36 -21.68 -43.64
CA ARG B 137 -8.25 -22.16 -45.02
C ARG B 137 -8.11 -23.69 -45.01
N LEU B 138 -9.10 -24.39 -44.47
CA LEU B 138 -8.97 -25.82 -44.19
C LEU B 138 -9.66 -26.72 -45.21
N ASP B 139 -9.25 -27.98 -45.22
CA ASP B 139 -10.03 -29.04 -45.86
C ASP B 139 -11.42 -29.07 -45.24
N GLN B 140 -12.43 -29.40 -46.03
CA GLN B 140 -13.82 -29.35 -45.57
C GLN B 140 -14.08 -30.22 -44.34
N TYR B 141 -13.36 -31.33 -44.22
CA TYR B 141 -13.51 -32.25 -43.06
C TYR B 141 -13.45 -31.51 -41.71
N TYR B 142 -12.59 -30.49 -41.64
CA TYR B 142 -12.30 -29.77 -40.40
C TYR B 142 -13.32 -28.71 -40.03
N GLY B 143 -14.27 -28.42 -40.92
CA GLY B 143 -15.36 -27.50 -40.58
C GLY B 143 -15.00 -26.03 -40.67
N VAL B 144 -15.73 -25.21 -39.90
CA VAL B 144 -15.62 -23.75 -39.97
C VAL B 144 -14.25 -23.19 -39.60
N LEU B 145 -13.58 -23.80 -38.63
CA LEU B 145 -12.26 -23.32 -38.20
C LEU B 145 -11.55 -24.37 -37.36
N ALA B 146 -10.24 -24.20 -37.19
CA ALA B 146 -9.47 -24.99 -36.23
C ALA B 146 -8.72 -24.09 -35.25
N PHE B 147 -8.91 -24.33 -33.96
CA PHE B 147 -8.07 -23.73 -32.94
C PHE B 147 -6.89 -24.66 -32.67
N VAL B 148 -5.67 -24.17 -32.94
CA VAL B 148 -4.46 -24.98 -32.78
C VAL B 148 -4.05 -24.98 -31.30
N THR B 149 -3.87 -26.16 -30.72
CA THR B 149 -3.33 -26.28 -29.36
C THR B 149 -1.84 -26.43 -29.45
N ASN B 150 -1.14 -26.18 -28.33
CA ASN B 150 0.33 -26.23 -28.34
C ASN B 150 0.88 -27.59 -27.95
N TYR B 151 0.13 -28.68 -28.14
CA TYR B 151 0.72 -29.99 -27.96
C TYR B 151 1.88 -30.15 -28.95
N PRO B 152 3.06 -30.60 -28.47
CA PRO B 152 3.47 -30.93 -27.11
C PRO B 152 3.85 -29.70 -26.30
N ASN B 153 3.31 -29.54 -25.10
CA ASN B 153 3.64 -28.37 -24.30
C ASN B 153 5.02 -28.60 -23.67
N LEU B 154 5.45 -27.68 -22.82
CA LEU B 154 6.77 -27.79 -22.20
C LEU B 154 6.89 -29.07 -21.41
N TYR B 155 5.85 -29.44 -20.68
CA TYR B 155 5.86 -30.67 -19.90
C TYR B 155 6.02 -31.90 -20.79
N ASP B 156 5.21 -31.97 -21.84
CA ASP B 156 5.29 -33.06 -22.80
C ASP B 156 6.67 -33.15 -23.40
N THR B 157 7.20 -32.00 -23.79
CA THR B 157 8.51 -31.90 -24.43
C THR B 157 9.63 -32.38 -23.52
N LEU B 158 9.63 -31.95 -22.26
CA LEU B 158 10.64 -32.45 -21.32
C LEU B 158 10.42 -33.91 -20.96
N LYS B 159 9.19 -34.41 -21.11
CA LYS B 159 8.94 -35.85 -20.99
C LYS B 159 9.22 -36.60 -22.31
N LYS B 160 9.76 -35.91 -23.31
CA LYS B 160 10.14 -36.52 -24.59
C LYS B 160 8.96 -37.00 -25.42
N ARG B 161 7.77 -36.45 -25.20
CA ARG B 161 6.60 -36.88 -25.97
C ARG B 161 6.56 -36.20 -27.31
N THR B 162 6.14 -36.92 -28.36
CA THR B 162 6.20 -36.39 -29.74
C THR B 162 4.82 -36.31 -30.41
N GLY B 163 4.78 -35.68 -31.58
CA GLY B 163 3.54 -35.49 -32.34
C GLY B 163 3.23 -34.01 -32.46
N HIS B 164 2.16 -33.70 -33.16
CA HIS B 164 1.78 -32.32 -33.45
C HIS B 164 0.38 -32.32 -33.99
N GLY B 165 -0.15 -31.14 -34.24
CA GLY B 165 -1.42 -30.97 -34.91
C GLY B 165 -2.65 -31.38 -34.10
N ILE B 166 -2.61 -31.21 -32.78
CA ILE B 166 -3.79 -31.40 -31.94
C ILE B 166 -4.60 -30.10 -31.97
N TRP B 167 -5.77 -30.16 -32.61
CA TRP B 167 -6.65 -29.00 -32.80
C TRP B 167 -8.02 -29.22 -32.17
N VAL B 168 -8.66 -28.12 -31.82
CA VAL B 168 -10.10 -28.12 -31.55
C VAL B 168 -10.72 -27.61 -32.84
N HIS B 169 -11.57 -28.42 -33.49
CA HIS B 169 -12.15 -28.03 -34.79
C HIS B 169 -13.61 -28.45 -34.93
N GLY B 170 -14.18 -28.17 -36.10
CA GLY B 170 -15.60 -28.44 -36.37
C GLY B 170 -15.86 -29.78 -37.06
N MET B 171 -17.08 -29.91 -37.60
CA MET B 171 -17.50 -31.11 -38.34
C MET B 171 -17.49 -30.87 -39.85
N PRO B 172 -17.47 -31.94 -40.66
CA PRO B 172 -17.32 -31.82 -42.12
C PRO B 172 -18.35 -30.90 -42.78
N LEU B 173 -17.91 -30.10 -43.74
CA LEU B 173 -18.78 -29.07 -44.34
C LEU B 173 -19.71 -29.67 -45.41
N ASN B 174 -19.29 -30.79 -46.00
CA ASN B 174 -20.16 -31.61 -46.85
C ASN B 174 -21.16 -32.47 -46.05
N GLY B 175 -21.30 -32.20 -44.76
CA GLY B 175 -22.32 -32.87 -43.94
C GLY B 175 -22.03 -34.31 -43.54
N ASP B 176 -20.86 -34.85 -43.91
CA ASP B 176 -20.48 -36.19 -43.46
C ASP B 176 -20.38 -36.23 -41.95
N ARG B 177 -20.85 -37.33 -41.35
CA ARG B 177 -20.75 -37.54 -39.92
C ARG B 177 -20.50 -39.03 -39.69
N ASN B 178 -19.53 -39.57 -40.40
CA ASN B 178 -19.22 -41.01 -40.39
C ASN B 178 -18.53 -41.47 -39.11
N GLU B 179 -17.43 -40.79 -38.79
CA GLU B 179 -16.47 -41.28 -37.79
C GLU B 179 -16.95 -41.12 -36.33
N LEU B 180 -16.59 -42.10 -35.50
CA LEU B 180 -16.85 -42.06 -34.06
C LEU B 180 -15.71 -41.37 -33.28
N ASN B 181 -14.50 -41.42 -33.83
CA ASN B 181 -13.28 -40.89 -33.20
C ASN B 181 -12.44 -40.09 -34.16
N THR B 182 -11.76 -39.06 -33.65
CA THR B 182 -10.70 -38.36 -34.40
C THR B 182 -9.39 -39.13 -34.26
N LYS B 183 -8.31 -38.62 -34.85
CA LYS B 183 -6.97 -39.12 -34.57
C LYS B 183 -6.31 -38.36 -33.38
N GLY B 184 -7.10 -37.69 -32.55
CA GLY B 184 -6.58 -36.94 -31.39
C GLY B 184 -7.11 -35.52 -31.25
N CYS B 185 -7.57 -34.93 -32.36
CA CYS B 185 -8.20 -33.62 -32.30
C CYS B 185 -9.51 -33.68 -31.52
N ILE B 186 -10.03 -32.51 -31.18
CA ILE B 186 -11.32 -32.39 -30.49
C ILE B 186 -12.31 -31.69 -31.42
N ALA B 187 -13.37 -32.40 -31.80
CA ALA B 187 -14.31 -31.94 -32.82
C ALA B 187 -15.69 -31.66 -32.21
N ILE B 188 -16.26 -30.48 -32.50
CA ILE B 188 -17.61 -30.09 -32.06
C ILE B 188 -18.39 -29.50 -33.23
N GLU B 189 -19.68 -29.21 -33.00
CA GLU B 189 -20.53 -28.71 -34.07
C GLU B 189 -20.14 -27.29 -34.50
N ASN B 190 -20.14 -27.06 -35.81
CA ASN B 190 -19.67 -25.82 -36.43
C ASN B 190 -20.38 -24.54 -35.98
N PRO B 191 -21.72 -24.58 -35.82
CA PRO B 191 -22.42 -23.39 -35.31
C PRO B 191 -21.86 -22.90 -33.98
N LEU B 192 -21.69 -23.85 -33.06
CA LEU B 192 -21.22 -23.60 -31.71
C LEU B 192 -19.75 -23.15 -31.69
N LEU B 193 -18.94 -23.78 -32.52
CA LEU B 193 -17.53 -23.43 -32.65
C LEU B 193 -17.36 -21.97 -33.12
N SER B 194 -18.18 -21.53 -34.09
CA SER B 194 -18.17 -20.13 -34.54
C SER B 194 -18.58 -19.19 -33.42
N SER B 195 -19.53 -19.62 -32.59
CA SER B 195 -19.96 -18.82 -31.45
C SER B 195 -18.79 -18.55 -30.50
N TYR B 196 -18.02 -19.59 -30.20
CA TYR B 196 -16.87 -19.45 -29.32
C TYR B 196 -15.85 -18.51 -29.92
N ASP B 197 -15.60 -18.67 -31.22
CA ASP B 197 -14.71 -17.78 -31.98
C ASP B 197 -15.08 -16.29 -31.89
N LYS B 198 -16.37 -15.98 -31.99
CA LYS B 198 -16.86 -14.60 -31.93
C LYS B 198 -16.70 -14.02 -30.54
N VAL B 199 -16.87 -14.87 -29.52
CA VAL B 199 -16.58 -14.49 -28.14
C VAL B 199 -15.06 -14.27 -27.93
N LEU B 200 -14.25 -15.17 -28.47
CA LEU B 200 -12.80 -15.11 -28.28
C LEU B 200 -12.22 -13.84 -28.88
N LYS B 201 -12.57 -13.60 -30.14
CA LYS B 201 -12.21 -12.36 -30.80
C LYS B 201 -10.69 -12.19 -30.86
N GLY B 202 -10.00 -13.26 -31.28
CA GLY B 202 -8.55 -13.24 -31.41
C GLY B 202 -7.73 -13.55 -30.17
N GLU B 203 -8.35 -13.58 -28.99
CA GLU B 203 -7.61 -13.89 -27.76
C GLU B 203 -7.24 -15.37 -27.63
N LYS B 204 -6.09 -15.60 -27.02
CA LYS B 204 -5.64 -16.93 -26.61
C LYS B 204 -6.57 -17.47 -25.54
N ALA B 205 -6.65 -18.79 -25.48
CA ALA B 205 -7.45 -19.47 -24.47
C ALA B 205 -6.64 -20.62 -23.93
N PHE B 206 -6.97 -20.99 -22.71
CA PHE B 206 -6.42 -22.20 -22.09
C PHE B 206 -7.37 -23.36 -22.38
N LEU B 207 -6.80 -24.56 -22.38
CA LEU B 207 -7.52 -25.81 -22.49
C LEU B 207 -7.06 -26.76 -21.39
N ILE B 208 -7.97 -27.18 -20.53
CA ILE B 208 -7.70 -28.26 -19.60
C ILE B 208 -8.38 -29.53 -20.14
N THR B 209 -7.62 -30.58 -20.36
CA THR B 209 -8.17 -31.85 -20.78
C THR B 209 -7.88 -32.93 -19.77
N TYR B 210 -8.90 -33.64 -19.36
CA TYR B 210 -8.76 -34.66 -18.36
C TYR B 210 -9.49 -35.90 -18.74
N GLU B 211 -9.15 -37.00 -18.09
CA GLU B 211 -9.71 -38.26 -18.50
C GLU B 211 -10.99 -38.65 -17.81
N ASP B 212 -10.99 -39.13 -16.58
CA ASP B 212 -12.25 -39.67 -16.04
C ASP B 212 -12.91 -38.76 -15.05
N LYS B 213 -12.16 -38.37 -14.06
CA LYS B 213 -12.63 -37.45 -13.08
C LYS B 213 -11.61 -36.34 -12.98
N PHE B 214 -12.12 -35.12 -12.92
CA PHE B 214 -11.31 -33.92 -12.72
C PHE B 214 -11.24 -33.60 -11.24
N PHE B 215 -10.02 -33.51 -10.74
CA PHE B 215 -9.77 -33.16 -9.35
C PHE B 215 -9.30 -31.69 -9.29
N PRO B 216 -10.20 -30.79 -8.88
CA PRO B 216 -9.97 -29.33 -8.99
C PRO B 216 -8.87 -28.78 -8.09
N SER B 217 -8.28 -27.65 -8.48
CA SER B 217 -7.35 -26.96 -7.60
C SER B 217 -8.18 -26.43 -6.45
N THR B 218 -7.72 -26.58 -5.22
CA THR B 218 -8.48 -26.03 -4.12
C THR B 218 -7.97 -24.66 -3.79
N LYS B 219 -8.70 -23.95 -2.95
CA LYS B 219 -8.23 -22.67 -2.44
C LYS B 219 -6.96 -22.80 -1.60
N GLU B 220 -6.85 -23.87 -0.82
CA GLU B 220 -5.61 -24.10 -0.06
C GLU B 220 -4.39 -24.29 -0.98
N GLU B 221 -4.55 -25.09 -2.03
CA GLU B 221 -3.45 -25.35 -2.96
C GLU B 221 -3.01 -24.03 -3.61
N LEU B 222 -3.96 -23.28 -4.16
CA LEU B 222 -3.67 -22.02 -4.82
C LEU B 222 -2.97 -21.04 -3.90
N SER B 223 -3.41 -20.95 -2.64
CA SER B 223 -2.86 -19.98 -1.72
C SER B 223 -1.42 -20.35 -1.39
N MET B 224 -1.15 -21.65 -1.33
CA MET B 224 0.18 -22.19 -1.12
C MET B 224 1.07 -21.88 -2.32
N ILE B 225 0.53 -22.07 -3.53
CA ILE B 225 1.33 -21.86 -4.76
C ILE B 225 1.63 -20.38 -4.96
N LEU B 226 0.61 -19.54 -4.83
CA LEU B 226 0.76 -18.11 -4.99
C LEU B 226 1.72 -17.48 -3.98
N SER B 227 1.57 -17.79 -2.70
CA SER B 227 2.49 -17.22 -1.71
C SER B 227 3.93 -17.70 -1.96
N SER B 228 4.06 -18.98 -2.32
CA SER B 228 5.36 -19.50 -2.70
C SER B 228 5.96 -18.81 -3.91
N LEU B 229 5.17 -18.56 -4.93
CA LEU B 229 5.62 -17.89 -6.14
C LEU B 229 6.32 -16.59 -5.78
N PHE B 230 5.66 -15.79 -4.95
CA PHE B 230 6.18 -14.48 -4.57
C PHE B 230 7.35 -14.58 -3.61
N GLN B 231 7.39 -15.67 -2.82
CA GLN B 231 8.55 -15.88 -1.93
C GLN B 231 9.79 -16.19 -2.74
N TRP B 232 9.58 -17.03 -3.75
CA TRP B 232 10.62 -17.45 -4.69
C TRP B 232 11.13 -16.23 -5.45
N LYS B 233 10.23 -15.38 -5.91
CA LYS B 233 10.62 -14.17 -6.60
C LYS B 233 11.51 -13.29 -5.72
N GLU B 234 11.12 -13.11 -4.45
CA GLU B 234 11.90 -12.27 -3.52
C GLU B 234 13.27 -12.86 -3.21
N ALA B 235 13.34 -14.18 -3.07
CA ALA B 235 14.58 -14.86 -2.78
C ALA B 235 15.52 -14.72 -3.98
N TRP B 236 14.94 -14.85 -5.18
CA TRP B 236 15.68 -14.71 -6.42
C TRP B 236 16.28 -13.31 -6.52
N ALA B 237 15.41 -12.32 -6.43
CA ALA B 237 15.77 -10.92 -6.63
C ALA B 237 16.74 -10.38 -5.59
N ARG B 238 16.57 -10.77 -4.33
CA ARG B 238 17.45 -10.27 -3.26
C ARG B 238 18.71 -11.15 -3.10
N GLY B 239 18.74 -12.27 -3.81
CA GLY B 239 19.96 -13.05 -3.92
C GLY B 239 20.16 -14.05 -2.80
N ASP B 240 19.06 -14.56 -2.25
CA ASP B 240 19.12 -15.54 -1.17
C ASP B 240 19.17 -16.94 -1.77
N PHE B 241 20.39 -17.43 -1.94
CA PHE B 241 20.63 -18.67 -2.69
C PHE B 241 19.96 -19.87 -2.08
N GLU B 242 20.07 -20.00 -0.76
CA GLU B 242 19.57 -21.17 -0.06
C GLU B 242 18.06 -21.25 -0.07
N ARG B 243 17.43 -20.12 0.20
CA ARG B 243 15.97 -20.01 0.15
C ARG B 243 15.39 -20.20 -1.27
N TYR B 244 16.11 -19.69 -2.27
CA TYR B 244 15.73 -19.88 -3.68
C TYR B 244 15.80 -21.34 -4.07
N MET B 245 16.92 -21.98 -3.76
CA MET B 245 17.11 -23.38 -4.11
C MET B 245 16.12 -24.34 -3.43
N ARG B 246 15.66 -24.01 -2.22
CA ARG B 246 14.65 -24.80 -1.50
C ARG B 246 13.31 -25.05 -2.26
N PHE B 247 12.93 -24.15 -3.16
CA PHE B 247 11.70 -24.33 -3.96
C PHE B 247 11.83 -25.37 -5.07
N TYR B 248 13.06 -25.78 -5.41
CA TYR B 248 13.28 -26.65 -6.54
C TYR B 248 13.27 -28.12 -6.14
N ASN B 249 12.45 -28.92 -6.82
CA ASN B 249 12.42 -30.38 -6.62
C ASN B 249 13.75 -31.01 -7.08
N PRO B 250 14.23 -32.03 -6.35
CA PRO B 250 15.41 -32.79 -6.78
C PRO B 250 15.38 -33.27 -8.22
N ASN B 251 14.19 -33.63 -8.71
CA ASN B 251 14.01 -34.08 -10.09
C ASN B 251 13.93 -32.93 -11.14
N PHE B 252 14.23 -31.71 -10.72
CA PHE B 252 14.08 -30.52 -11.57
C PHE B 252 14.69 -30.69 -12.96
N THR B 253 13.96 -30.22 -13.98
CA THR B 253 14.50 -30.11 -15.31
C THR B 253 14.20 -28.71 -15.86
N ARG B 254 15.24 -27.99 -16.28
CA ARG B 254 15.04 -26.69 -16.90
C ARG B 254 14.60 -26.91 -18.34
N TYR B 255 13.97 -25.91 -18.94
CA TYR B 255 13.45 -26.02 -20.31
C TYR B 255 14.49 -26.50 -21.34
N ASP B 256 15.77 -26.23 -21.09
CA ASP B 256 16.87 -26.61 -22.00
C ASP B 256 17.55 -27.90 -21.59
N GLY B 257 16.93 -28.68 -20.70
CA GLY B 257 17.41 -30.00 -20.31
C GLY B 257 18.26 -30.00 -19.05
N MET B 258 18.71 -28.83 -18.60
CA MET B 258 19.62 -28.80 -17.45
C MET B 258 18.96 -29.40 -16.21
N LYS B 259 19.73 -30.22 -15.48
CA LYS B 259 19.21 -30.91 -14.30
C LYS B 259 19.63 -30.19 -13.02
N PHE B 260 19.15 -30.71 -11.89
CA PHE B 260 19.22 -30.01 -10.62
C PHE B 260 20.64 -29.67 -10.20
N ASN B 261 21.56 -30.63 -10.28
CA ASN B 261 22.91 -30.37 -9.77
C ASN B 261 23.64 -29.27 -10.57
N ALA B 262 23.58 -29.37 -11.90
CA ALA B 262 24.20 -28.37 -12.75
C ALA B 262 23.52 -27.00 -12.59
N PHE B 263 22.21 -27.02 -12.32
CA PHE B 263 21.44 -25.80 -12.18
C PHE B 263 21.88 -25.10 -10.91
N LYS B 264 21.97 -25.89 -9.84
CA LYS B 264 22.34 -25.41 -8.52
C LYS B 264 23.73 -24.80 -8.52
N GLU B 265 24.67 -25.54 -9.12
CA GLU B 265 26.04 -25.05 -9.30
C GLU B 265 26.09 -23.72 -10.01
N TYR B 266 25.40 -23.62 -11.14
CA TYR B 266 25.38 -22.41 -11.92
C TYR B 266 24.73 -21.25 -11.13
N LYS B 267 23.66 -21.53 -10.41
CA LYS B 267 22.99 -20.49 -9.61
C LYS B 267 23.86 -20.01 -8.42
N LYS B 268 24.56 -20.92 -7.76
CA LYS B 268 25.45 -20.53 -6.68
C LYS B 268 26.46 -19.48 -7.16
N ARG B 269 27.11 -19.77 -8.30
CA ARG B 269 27.96 -18.82 -9.02
C ARG B 269 27.25 -17.47 -9.28
N VAL B 270 26.09 -17.52 -9.94
CA VAL B 270 25.35 -16.30 -10.26
C VAL B 270 24.99 -15.48 -9.02
N PHE B 271 24.53 -16.17 -7.98
CA PHE B 271 24.11 -15.49 -6.75
C PHE B 271 25.31 -14.88 -6.01
N ALA B 272 26.46 -15.56 -6.06
CA ALA B 272 27.70 -15.03 -5.48
C ALA B 272 28.10 -13.66 -6.04
N LYS B 273 27.75 -13.36 -7.29
CA LYS B 273 27.96 -12.03 -7.85
C LYS B 273 27.26 -10.90 -7.09
N ASN B 274 26.18 -11.22 -6.38
CA ASN B 274 25.42 -10.25 -5.62
C ASN B 274 25.02 -9.04 -6.42
N GLU B 275 24.56 -9.26 -7.64
CA GLU B 275 24.04 -8.18 -8.46
C GLU B 275 22.69 -7.74 -7.94
N LYS B 276 22.38 -6.46 -8.08
CA LYS B 276 21.05 -5.94 -7.84
C LYS B 276 20.14 -6.34 -9.01
N LYS B 277 18.91 -6.72 -8.66
CA LYS B 277 17.92 -7.27 -9.60
C LYS B 277 16.58 -6.74 -9.19
N ASN B 278 15.77 -6.34 -10.16
CA ASN B 278 14.36 -6.01 -9.98
C ASN B 278 13.56 -6.91 -10.90
N ILE B 279 12.58 -7.61 -10.32
CA ILE B 279 11.79 -8.60 -11.05
C ILE B 279 10.31 -8.34 -10.75
N ALA B 280 9.50 -8.25 -11.79
CA ALA B 280 8.07 -8.08 -11.61
C ALA B 280 7.31 -9.08 -12.45
N PHE B 281 6.28 -9.67 -11.84
CA PHE B 281 5.40 -10.64 -12.52
C PHE B 281 4.03 -10.03 -12.72
N SER B 282 3.39 -10.36 -13.84
CA SER B 282 2.07 -9.87 -14.11
C SER B 282 1.32 -10.96 -14.88
N SER B 283 0.00 -10.85 -14.92
CA SER B 283 -0.88 -11.83 -15.61
C SER B 283 -0.56 -13.28 -15.23
N ILE B 284 -0.53 -13.52 -13.94
CA ILE B 284 -0.23 -14.81 -13.37
C ILE B 284 -1.47 -15.69 -13.45
N ASN B 285 -1.30 -16.89 -13.99
CA ASN B 285 -2.33 -17.95 -13.97
C ASN B 285 -1.73 -19.23 -13.36
N VAL B 286 -2.51 -19.88 -12.48
CA VAL B 286 -2.13 -21.14 -11.82
C VAL B 286 -3.25 -22.16 -12.08
N ILE B 287 -2.91 -23.25 -12.77
CA ILE B 287 -3.91 -24.10 -13.35
C ILE B 287 -3.62 -25.55 -12.99
N PRO B 288 -4.61 -26.26 -12.38
CA PRO B 288 -4.37 -27.64 -12.02
C PRO B 288 -4.09 -28.47 -13.27
N TYR B 289 -3.15 -29.42 -13.18
CA TYR B 289 -2.64 -30.10 -14.36
C TYR B 289 -3.03 -31.59 -14.27
N PRO B 290 -4.10 -31.99 -14.96
CA PRO B 290 -4.49 -33.41 -14.78
C PRO B 290 -3.41 -34.32 -15.33
N ASN B 291 -3.20 -35.46 -14.67
CA ASN B 291 -2.10 -36.37 -14.98
C ASN B 291 -2.43 -37.82 -14.59
N SER B 292 -1.78 -38.77 -15.28
CA SER B 292 -1.99 -40.21 -15.05
C SER B 292 -2.06 -40.60 -13.56
N GLN B 293 -1.04 -40.19 -12.81
CA GLN B 293 -0.84 -40.61 -11.41
C GLN B 293 -1.65 -39.79 -10.41
N ASN B 294 -2.45 -38.84 -10.92
CA ASN B 294 -3.22 -37.94 -10.05
C ASN B 294 -2.36 -37.24 -8.97
N LYS B 295 -1.07 -37.02 -9.28
CA LYS B 295 -0.22 -36.16 -8.44
C LYS B 295 -0.84 -34.79 -8.47
N ARG B 296 -0.57 -34.01 -7.44
CA ARG B 296 -1.06 -32.66 -7.43
C ARG B 296 -0.03 -31.76 -8.15
N LEU B 297 -0.18 -31.71 -9.48
CA LEU B 297 0.64 -30.88 -10.36
C LEU B 297 -0.14 -29.66 -10.84
N PHE B 298 0.59 -28.56 -11.07
CA PHE B 298 0.01 -27.30 -11.51
C PHE B 298 0.92 -26.68 -12.55
N TYR B 299 0.30 -25.96 -13.47
CA TYR B 299 0.97 -25.14 -14.48
C TYR B 299 0.82 -23.70 -14.07
N VAL B 300 1.97 -23.00 -13.95
CA VAL B 300 2.02 -21.58 -13.65
C VAL B 300 2.61 -20.81 -14.83
N VAL B 301 1.92 -19.79 -15.30
CA VAL B 301 2.40 -19.05 -16.47
C VAL B 301 2.15 -17.59 -16.20
N PHE B 302 3.16 -16.76 -16.50
CA PHE B 302 3.08 -15.34 -16.23
C PHE B 302 4.05 -14.58 -17.08
N ASP B 303 3.82 -13.27 -17.21
CA ASP B 303 4.78 -12.39 -17.86
C ASP B 303 5.79 -11.90 -16.82
N GLN B 304 7.04 -11.76 -17.22
CA GLN B 304 8.13 -11.34 -16.31
C GLN B 304 8.96 -10.22 -16.89
N ASP B 305 9.08 -9.14 -16.12
CA ASP B 305 9.95 -8.01 -16.41
C ASP B 305 11.14 -8.16 -15.46
N TYR B 306 12.31 -8.45 -16.04
CA TYR B 306 13.54 -8.71 -15.31
C TYR B 306 14.58 -7.65 -15.67
N LYS B 307 15.19 -7.08 -14.65
CA LYS B 307 16.28 -6.14 -14.85
C LYS B 307 17.38 -6.45 -13.85
N ALA B 308 18.63 -6.38 -14.30
CA ALA B 308 19.77 -6.49 -13.41
C ALA B 308 20.71 -5.31 -13.61
N TYR B 309 21.51 -5.05 -12.59
CA TYR B 309 22.36 -3.87 -12.52
C TYR B 309 23.80 -4.22 -12.13
N GLN B 310 24.73 -3.35 -12.52
CA GLN B 310 26.14 -3.45 -12.15
C GLN B 310 26.58 -2.06 -11.79
N HIS B 311 26.96 -1.85 -10.53
CA HIS B 311 27.36 -0.53 -10.03
C HIS B 311 26.36 0.54 -10.43
N ASN B 312 25.10 0.28 -10.07
CA ASN B 312 23.94 1.15 -10.33
C ASN B 312 23.65 1.43 -11.79
N LYS B 313 24.23 0.65 -12.69
CA LYS B 313 23.87 0.74 -14.08
C LYS B 313 23.24 -0.55 -14.59
N LEU B 314 22.14 -0.38 -15.30
CA LEU B 314 21.40 -1.47 -15.90
C LEU B 314 22.34 -2.27 -16.78
N SER B 315 22.48 -3.56 -16.52
CA SER B 315 23.34 -4.40 -17.36
C SER B 315 22.59 -5.44 -18.21
N TYR B 316 21.34 -5.72 -17.85
CA TYR B 316 20.53 -6.75 -18.50
C TYR B 316 19.06 -6.44 -18.26
N SER B 317 18.26 -6.48 -19.32
CA SER B 317 16.81 -6.43 -19.15
C SER B 317 16.12 -7.39 -20.09
N SER B 318 15.02 -7.97 -19.63
CA SER B 318 14.20 -8.80 -20.49
C SER B 318 12.72 -8.74 -20.12
N ASN B 319 11.87 -9.04 -21.10
CA ASN B 319 10.46 -9.23 -20.89
C ASN B 319 10.08 -10.54 -21.57
N SER B 320 9.60 -11.49 -20.78
CA SER B 320 9.41 -12.85 -21.24
C SER B 320 8.15 -13.46 -20.63
N GLN B 321 7.72 -14.58 -21.18
CA GLN B 321 6.67 -15.40 -20.61
C GLN B 321 7.37 -16.54 -19.90
N LYS B 322 7.13 -16.65 -18.60
CA LYS B 322 7.74 -17.69 -17.80
C LYS B 322 6.74 -18.80 -17.65
N GLU B 323 7.23 -20.00 -17.48
CA GLU B 323 6.37 -21.16 -17.24
C GLU B 323 7.01 -22.01 -16.14
N LEU B 324 6.19 -22.43 -15.18
CA LEU B 324 6.61 -23.36 -14.14
C LEU B 324 5.65 -24.52 -14.12
N TYR B 325 6.19 -25.72 -13.88
CA TYR B 325 5.39 -26.82 -13.44
C TYR B 325 5.77 -27.11 -12.00
N ILE B 326 4.73 -27.22 -11.15
CA ILE B 326 4.86 -27.27 -9.69
C ILE B 326 4.11 -28.47 -9.15
N GLU B 327 4.74 -29.20 -8.25
CA GLU B 327 4.06 -30.26 -7.52
C GLU B 327 3.84 -29.86 -6.06
N ILE B 328 2.67 -30.21 -5.51
CA ILE B 328 2.49 -30.17 -4.06
C ILE B 328 2.47 -31.62 -3.58
N GLU B 329 3.41 -31.95 -2.70
CA GLU B 329 3.54 -33.32 -2.17
C GLU B 329 3.98 -33.20 -0.72
N ASN B 330 3.38 -34.00 0.16
CA ASN B 330 3.59 -33.88 1.61
C ASN B 330 3.49 -32.45 2.07
N ASN B 331 2.48 -31.77 1.54
CA ASN B 331 2.18 -30.40 1.88
C ASN B 331 3.32 -29.41 1.61
N GLN B 332 4.13 -29.71 0.61
CA GLN B 332 5.22 -28.85 0.22
C GLN B 332 5.18 -28.52 -1.27
N VAL B 333 5.40 -27.25 -1.58
CA VAL B 333 5.46 -26.75 -2.93
C VAL B 333 6.83 -26.96 -3.52
N SER B 334 6.92 -27.57 -4.70
CA SER B 334 8.22 -27.64 -5.36
C SER B 334 8.12 -27.39 -6.86
N ILE B 335 9.17 -26.81 -7.42
CA ILE B 335 9.26 -26.60 -8.87
C ILE B 335 9.89 -27.82 -9.54
N ILE B 336 9.18 -28.48 -10.45
CA ILE B 336 9.76 -29.60 -11.20
C ILE B 336 10.25 -29.26 -12.60
N MET B 337 9.77 -28.16 -13.17
CA MET B 337 10.23 -27.68 -14.46
C MET B 337 10.09 -26.17 -14.52
N GLU B 338 11.04 -25.51 -15.16
CA GLU B 338 11.00 -24.07 -15.36
C GLU B 338 11.46 -23.71 -16.75
N LYS B 339 10.72 -22.78 -17.38
CA LYS B 339 11.23 -21.99 -18.46
C LYS B 339 11.20 -20.54 -18.04
#